data_2ZAL
#
_entry.id   2ZAL
#
_cell.length_a   49.89
_cell.length_b   77.28
_cell.length_c   147.53
_cell.angle_alpha   90.00
_cell.angle_beta   90.00
_cell.angle_gamma   90.00
#
_symmetry.space_group_name_H-M   'P 21 21 21'
#
loop_
_entity.id
_entity.type
_entity.pdbx_description
1 polymer L-asparaginase
2 polymer L-asparaginase
3 non-polymer 'SODIUM ION'
4 non-polymer 'CALCIUM ION'
5 non-polymer 'ASPARTIC ACID'
6 non-polymer 'CHLORIDE ION'
7 non-polymer 2-AMINO-2-HYDROXYMETHYL-PROPANE-1,3-DIOL
8 water water
#
loop_
_entity_poly.entity_id
_entity_poly.type
_entity_poly.pdbx_seq_one_letter_code
_entity_poly.pdbx_strand_id
1 'polypeptide(L)'
;GKAVIAIHGGAGAISRAQMSLQQELRYIEALSAIVETGQKMLEAGESALDVVTEAVRLLEECPLFNAGIGAVFTRDETHE
LDACVMDGNTLKAGAVAGVSHLRNPVLAARLVMEQSPHVMMIGEGAENFAFARGMERVSPEIFSTSLRYEQLLAARKEGA
;
A,C
2 'polypeptide(L)'
;TVGAVALDLDGNLAAATSTGGMTNKLPGRVGDSPLVGAGCYANNASVAVSCTGTGEVFIRALAAYDIAALMDYGGLSLAE
ACERVVMEKLPALGGSGGLIAIDHEGNVALPFNTEGMYRAWGYAGDTPTTGIYREKG
;
B,D
#
loop_
_chem_comp.id
_chem_comp.type
_chem_comp.name
_chem_comp.formula
CA non-polymer 'CALCIUM ION' 'Ca 2'
CL non-polymer 'CHLORIDE ION' 'Cl -1'
NA non-polymer 'SODIUM ION' 'Na 1'
TRS non-polymer 2-AMINO-2-HYDROXYMETHYL-PROPANE-1,3-DIOL 'C4 H12 N O3 1'
#
# COMPACT_ATOMS: atom_id res chain seq x y z
N GLY A 1 -28.22 -8.55 2.22
CA GLY A 1 -27.94 -9.63 3.18
C GLY A 1 -28.09 -9.20 4.62
N LYS A 2 -28.25 -10.19 5.50
CA LYS A 2 -28.36 -9.93 6.91
C LYS A 2 -27.07 -9.29 7.45
N ALA A 3 -27.25 -8.30 8.29
CA ALA A 3 -26.11 -7.66 8.93
C ALA A 3 -25.28 -8.71 9.70
N VAL A 4 -23.98 -8.52 9.66
CA VAL A 4 -23.04 -9.50 10.16
C VAL A 4 -21.69 -8.84 10.41
N ILE A 5 -20.98 -9.40 11.38
CA ILE A 5 -19.64 -8.98 11.74
C ILE A 5 -18.72 -10.19 11.82
N ALA A 6 -17.50 -10.03 11.35
CA ALA A 6 -16.42 -10.95 11.70
C ALA A 6 -15.24 -10.18 12.23
N ILE A 7 -14.50 -10.82 13.14
CA ILE A 7 -13.26 -10.26 13.68
C ILE A 7 -12.16 -11.29 13.73
N HIS A 8 -10.93 -10.81 13.74
CA HIS A 8 -9.81 -11.68 13.99
C HIS A 8 -8.82 -11.00 14.95
N GLY A 9 -8.05 -11.82 15.64
CA GLY A 9 -6.96 -11.35 16.50
C GLY A 9 -5.63 -11.96 16.12
N GLY A 10 -5.49 -12.40 14.87
CA GLY A 10 -4.21 -12.81 14.35
C GLY A 10 -4.07 -14.26 14.00
N ALA A 11 -3.31 -14.55 12.95
CA ALA A 11 -3.05 -15.91 12.52
C ALA A 11 -1.58 -16.27 12.82
N GLY A 12 -1.32 -17.54 13.09
CA GLY A 12 0.04 -18.03 13.18
C GLY A 12 0.12 -19.39 13.83
N ALA A 13 1.31 -19.69 14.34
CA ALA A 13 1.63 -20.98 14.93
C ALA A 13 1.05 -21.03 16.35
N ILE A 14 -0.28 -21.06 16.44
CA ILE A 14 -0.96 -21.18 17.71
C ILE A 14 -1.07 -22.67 17.95
N SER A 15 -0.31 -23.14 18.95
CA SER A 15 -0.12 -24.55 19.13
C SER A 15 -1.03 -25.14 20.20
N ARG A 16 -1.92 -26.02 19.77
CA ARG A 16 -2.88 -26.68 20.65
C ARG A 16 -2.17 -27.46 21.75
N ALA A 17 -1.11 -28.18 21.39
CA ALA A 17 -0.39 -29.03 22.34
C ALA A 17 0.35 -28.24 23.41
N GLN A 18 0.71 -26.99 23.11
CA GLN A 18 1.35 -26.10 24.08
C GLN A 18 0.36 -25.27 24.91
N MET A 19 -0.89 -25.20 24.45
CA MET A 19 -1.92 -24.40 25.13
C MET A 19 -2.65 -25.21 26.19
N SER A 20 -3.11 -24.53 27.23
CA SER A 20 -4.03 -25.10 28.21
C SER A 20 -5.42 -24.54 27.91
N LEU A 21 -6.45 -25.20 28.43
CA LEU A 21 -7.82 -24.71 28.27
C LEU A 21 -7.98 -23.32 28.87
N GLN A 22 -7.32 -23.08 30.01
CA GLN A 22 -7.43 -21.79 30.70
C GLN A 22 -6.90 -20.66 29.85
N GLN A 23 -5.77 -20.90 29.19
CA GLN A 23 -5.20 -19.96 28.23
C GLN A 23 -6.15 -19.71 27.07
N GLU A 24 -6.70 -20.78 26.50
CA GLU A 24 -7.58 -20.67 25.33
C GLU A 24 -8.84 -19.89 25.70
N LEU A 25 -9.40 -20.18 26.88
CA LEU A 25 -10.63 -19.51 27.30
C LEU A 25 -10.44 -18.02 27.50
N ARG A 26 -9.26 -17.56 27.88
CA ARG A 26 -9.02 -16.11 27.93
C ARG A 26 -9.19 -15.47 26.54
N TYR A 27 -8.64 -16.13 25.52
CA TYR A 27 -8.80 -15.66 24.14
C TYR A 27 -10.28 -15.76 23.68
N ILE A 28 -10.92 -16.89 23.97
CA ILE A 28 -12.31 -17.10 23.56
C ILE A 28 -13.22 -16.05 24.19
N GLU A 29 -13.04 -15.82 25.48
CA GLU A 29 -13.84 -14.83 26.21
C GLU A 29 -13.67 -13.43 25.64
N ALA A 30 -12.43 -13.06 25.29
CA ALA A 30 -12.15 -11.72 24.73
C ALA A 30 -12.82 -11.55 23.35
N LEU A 31 -12.65 -12.57 22.50
CA LEU A 31 -13.24 -12.59 21.16
C LEU A 31 -14.77 -12.56 21.23
N SER A 32 -15.36 -13.35 22.09
CA SER A 32 -16.82 -13.38 22.18
C SER A 32 -17.37 -12.04 22.70
N ALA A 33 -16.72 -11.40 23.67
CA ALA A 33 -17.23 -10.13 24.20
C ALA A 33 -17.15 -9.02 23.14
N ILE A 34 -16.08 -9.00 22.36
CA ILE A 34 -15.91 -8.02 21.30
C ILE A 34 -16.85 -8.25 20.10
N VAL A 35 -16.98 -9.49 19.64
CA VAL A 35 -17.90 -9.76 18.54
C VAL A 35 -19.36 -9.48 18.93
N GLU A 36 -19.76 -9.81 20.17
CA GLU A 36 -21.12 -9.52 20.68
C GLU A 36 -21.40 -8.01 20.78
N THR A 37 -20.38 -7.25 21.17
CA THR A 37 -20.48 -5.81 21.15
C THR A 37 -20.78 -5.32 19.72
N GLY A 38 -20.04 -5.85 18.76
CA GLY A 38 -20.27 -5.51 17.37
C GLY A 38 -21.64 -5.92 16.89
N GLN A 39 -22.10 -7.12 17.28
CA GLN A 39 -23.40 -7.62 16.83
C GLN A 39 -24.52 -6.73 17.32
N LYS A 40 -24.41 -6.34 18.58
CA LYS A 40 -25.37 -5.46 19.24
C LYS A 40 -25.42 -4.06 18.60
N MET A 41 -24.24 -3.52 18.25
CA MET A 41 -24.14 -2.25 17.55
C MET A 41 -24.85 -2.35 16.21
N LEU A 42 -24.61 -3.44 15.47
CA LEU A 42 -25.26 -3.68 14.18
C LEU A 42 -26.77 -3.72 14.31
N GLU A 43 -27.24 -4.47 15.29
CA GLU A 43 -28.65 -4.61 15.53
C GLU A 43 -29.29 -3.28 15.86
N ALA A 44 -28.56 -2.41 16.56
CA ALA A 44 -29.04 -1.10 16.96
C ALA A 44 -28.95 -0.11 15.78
N GLY A 45 -28.38 -0.51 14.66
CA GLY A 45 -28.34 0.36 13.50
C GLY A 45 -27.10 1.23 13.38
N GLU A 46 -26.03 0.87 14.06
CA GLU A 46 -24.77 1.57 13.90
C GLU A 46 -24.23 1.26 12.49
N SER A 47 -23.31 2.09 12.02
CA SER A 47 -22.74 1.96 10.68
C SER A 47 -21.70 0.88 10.71
N ALA A 48 -21.47 0.22 9.57
CA ALA A 48 -20.42 -0.77 9.49
C ALA A 48 -19.08 -0.16 9.88
N LEU A 49 -18.85 1.07 9.45
CA LEU A 49 -17.63 1.79 9.77
C LEU A 49 -17.41 1.97 11.26
N ASP A 50 -18.44 2.38 11.98
CA ASP A 50 -18.34 2.49 13.44
C ASP A 50 -18.21 1.14 14.11
N VAL A 51 -18.84 0.12 13.56
CA VAL A 51 -18.73 -1.22 14.12
C VAL A 51 -17.33 -1.80 13.97
N VAL A 52 -16.72 -1.69 12.79
CA VAL A 52 -15.36 -2.24 12.64
C VAL A 52 -14.34 -1.39 13.40
N THR A 53 -14.59 -0.09 13.51
CA THR A 53 -13.72 0.78 14.28
C THR A 53 -13.75 0.40 15.76
N GLU A 54 -14.93 0.25 16.32
CA GLU A 54 -15.04 -0.12 17.72
C GLU A 54 -14.50 -1.52 18.01
N ALA A 55 -14.77 -2.49 17.13
CA ALA A 55 -14.23 -3.84 17.36
C ALA A 55 -12.70 -3.80 17.40
N VAL A 56 -12.11 -3.05 16.48
CA VAL A 56 -10.66 -2.99 16.37
C VAL A 56 -10.06 -2.18 17.53
N ARG A 57 -10.75 -1.12 17.95
CA ARG A 57 -10.38 -0.38 19.17
C ARG A 57 -10.32 -1.30 20.40
N LEU A 58 -11.34 -2.15 20.59
CA LEU A 58 -11.36 -3.09 21.70
C LEU A 58 -10.24 -4.15 21.66
N LEU A 59 -9.98 -4.68 20.48
CA LEU A 59 -8.85 -5.59 20.23
C LEU A 59 -7.46 -4.94 20.45
N GLU A 60 -7.31 -3.68 20.04
CA GLU A 60 -6.16 -2.84 20.42
C GLU A 60 -6.02 -2.73 21.94
N GLU A 61 -7.11 -2.40 22.62
CA GLU A 61 -7.09 -2.30 24.08
C GLU A 61 -6.75 -3.61 24.79
N CYS A 62 -7.11 -4.74 24.19
CA CYS A 62 -6.90 -6.03 24.83
C CYS A 62 -5.41 -6.46 24.68
N PRO A 63 -4.71 -6.64 25.79
CA PRO A 63 -3.27 -7.00 25.73
C PRO A 63 -2.96 -8.37 25.14
N LEU A 64 -3.99 -9.20 24.93
CA LEU A 64 -3.81 -10.51 24.31
C LEU A 64 -3.40 -10.46 22.82
N PHE A 65 -3.71 -9.36 22.16
CA PHE A 65 -3.59 -9.26 20.71
C PHE A 65 -2.58 -8.20 20.32
N ASN A 66 -1.87 -8.52 19.24
CA ASN A 66 -0.80 -7.73 18.66
C ASN A 66 -1.35 -6.58 17.85
N ALA A 67 -1.80 -5.58 18.60
CA ALA A 67 -2.27 -4.31 18.08
C ALA A 67 -2.48 -3.45 19.31
N GLY A 68 -2.13 -2.18 19.24
CA GLY A 68 -2.24 -1.31 20.41
C GLY A 68 -1.49 -1.89 21.61
N ILE A 69 -2.14 -1.92 22.76
CA ILE A 69 -1.56 -2.54 23.95
C ILE A 69 -1.42 -4.04 23.68
N GLY A 70 -0.20 -4.57 23.86
CA GLY A 70 0.11 -5.91 23.41
C GLY A 70 0.83 -6.01 22.08
N ALA A 71 1.23 -4.89 21.50
CA ALA A 71 1.98 -4.90 20.24
C ALA A 71 3.30 -5.66 20.38
N VAL A 72 3.71 -6.31 19.30
CA VAL A 72 5.03 -6.89 19.23
C VAL A 72 6.11 -5.80 19.29
N PHE A 73 7.34 -6.26 19.49
CA PHE A 73 8.53 -5.42 19.54
C PHE A 73 9.33 -5.53 18.25
N THR A 74 9.89 -4.39 17.85
CA THR A 74 10.87 -4.32 16.78
C THR A 74 12.20 -4.91 17.27
N ARG A 75 13.14 -5.05 16.34
CA ARG A 75 14.54 -5.39 16.63
C ARG A 75 15.18 -4.52 17.74
N ASP A 76 14.73 -3.28 17.85
CA ASP A 76 15.27 -2.30 18.80
C ASP A 76 14.49 -2.23 20.13
N GLU A 77 13.56 -3.16 20.33
CA GLU A 77 12.77 -3.25 21.56
C GLU A 77 11.85 -2.06 21.74
N THR A 78 11.30 -1.58 20.62
CA THR A 78 10.38 -0.45 20.58
C THR A 78 9.12 -0.94 19.92
N HIS A 79 8.11 -0.08 19.88
CA HIS A 79 6.84 -0.38 19.23
C HIS A 79 6.54 0.67 18.16
N GLU A 80 6.13 0.17 16.98
CA GLU A 80 5.75 0.99 15.85
C GLU A 80 4.47 0.34 15.28
N LEU A 81 3.38 1.10 15.30
CA LEU A 81 2.04 0.57 15.04
C LEU A 81 1.50 1.06 13.71
N ASP A 82 0.64 0.22 13.12
CA ASP A 82 0.02 0.53 11.85
C ASP A 82 -1.49 0.22 11.96
N ALA A 83 -2.33 0.93 11.20
CA ALA A 83 -3.75 0.62 11.10
C ALA A 83 -4.40 1.19 9.83
N CYS A 84 -5.53 0.62 9.43
CA CYS A 84 -6.26 1.05 8.25
C CYS A 84 -7.76 0.87 8.51
N VAL A 85 -8.55 1.76 7.91
CA VAL A 85 -10.00 1.62 7.93
C VAL A 85 -10.51 2.02 6.56
N MET A 86 -11.50 1.30 6.04
CA MET A 86 -12.03 1.61 4.74
C MET A 86 -13.54 1.52 4.76
N ASP A 87 -14.16 2.52 4.15
CA ASP A 87 -15.61 2.63 4.07
C ASP A 87 -16.03 2.21 2.66
N GLY A 88 -16.78 1.12 2.56
CA GLY A 88 -17.20 0.55 1.28
C GLY A 88 -18.22 1.37 0.53
N ASN A 89 -18.89 2.28 1.24
CA ASN A 89 -19.91 3.13 0.67
C ASN A 89 -19.30 4.23 -0.20
N THR A 90 -18.31 4.93 0.32
CA THR A 90 -17.65 6.05 -0.38
C THR A 90 -16.32 5.66 -1.02
N LEU A 91 -15.83 4.48 -0.67
CA LEU A 91 -14.46 4.00 -0.94
C LEU A 91 -13.40 4.90 -0.37
N LYS A 92 -13.76 5.66 0.67
CA LYS A 92 -12.78 6.45 1.39
C LYS A 92 -12.05 5.55 2.36
N ALA A 93 -10.79 5.85 2.62
CA ALA A 93 -9.99 5.06 3.52
C ALA A 93 -9.08 5.98 4.25
N GLY A 94 -8.65 5.54 5.43
CA GLY A 94 -7.60 6.21 6.15
C GLY A 94 -6.64 5.23 6.79
N ALA A 95 -5.40 5.63 6.93
CA ALA A 95 -4.36 4.71 7.44
C ALA A 95 -3.23 5.49 8.10
N VAL A 96 -2.66 4.89 9.14
CA VAL A 96 -1.42 5.36 9.72
C VAL A 96 -0.42 4.20 9.76
N ALA A 97 0.86 4.52 9.58
CA ALA A 97 1.92 3.55 9.84
C ALA A 97 3.09 4.17 10.58
N GLY A 98 3.81 3.33 11.32
CA GLY A 98 4.99 3.75 12.05
C GLY A 98 4.70 4.71 13.19
N VAL A 99 3.55 4.59 13.83
CA VAL A 99 3.23 5.50 14.91
C VAL A 99 3.52 4.86 16.29
N SER A 100 4.09 5.64 17.21
CA SER A 100 4.49 5.15 18.52
C SER A 100 3.85 5.88 19.72
N HIS A 101 3.20 7.02 19.48
CA HIS A 101 2.70 7.87 20.55
C HIS A 101 1.17 8.07 20.50
N LEU A 102 0.49 7.21 19.75
CA LEU A 102 -0.96 7.17 19.66
C LEU A 102 -1.48 5.87 20.25
N ARG A 103 -2.39 5.99 21.20
CA ARG A 103 -2.90 4.84 21.94
C ARG A 103 -3.65 3.86 21.03
N ASN A 104 -4.49 4.40 20.15
CA ASN A 104 -5.38 3.63 19.28
C ASN A 104 -5.21 3.99 17.81
N PRO A 105 -4.28 3.35 17.15
CA PRO A 105 -4.05 3.59 15.72
C PRO A 105 -5.30 3.52 14.82
N VAL A 106 -6.26 2.66 15.12
CA VAL A 106 -7.44 2.62 14.29
C VAL A 106 -8.23 3.94 14.35
N LEU A 107 -8.17 4.62 15.50
CA LEU A 107 -8.87 5.89 15.69
C LEU A 107 -8.14 7.00 14.93
N ALA A 108 -6.82 6.92 14.90
CA ALA A 108 -6.04 7.87 14.12
C ALA A 108 -6.31 7.66 12.61
N ALA A 109 -6.38 6.40 12.19
CA ALA A 109 -6.74 6.10 10.80
C ALA A 109 -8.10 6.72 10.43
N ARG A 110 -9.09 6.65 11.34
CA ARG A 110 -10.41 7.24 11.10
C ARG A 110 -10.30 8.75 10.92
N LEU A 111 -9.45 9.36 11.73
CA LEU A 111 -9.19 10.79 11.64
C LEU A 111 -8.58 11.17 10.27
N VAL A 112 -7.64 10.36 9.78
CA VAL A 112 -7.04 10.65 8.46
C VAL A 112 -8.15 10.60 7.39
N MET A 113 -9.02 9.59 7.48
CA MET A 113 -10.11 9.43 6.53
C MET A 113 -11.07 10.61 6.57
N GLU A 114 -11.54 10.96 7.76
CA GLU A 114 -12.63 11.93 7.92
C GLU A 114 -12.23 13.40 8.01
N GLN A 115 -11.02 13.69 8.46
CA GLN A 115 -10.59 15.03 8.79
C GLN A 115 -9.31 15.43 8.04
N SER A 116 -8.98 14.73 6.96
CA SER A 116 -7.90 15.17 6.07
C SER A 116 -8.26 14.89 4.64
N PRO A 117 -7.55 15.52 3.70
CA PRO A 117 -7.73 15.20 2.27
C PRO A 117 -6.90 13.97 1.85
N HIS A 118 -6.33 13.26 2.83
CA HIS A 118 -5.37 12.21 2.57
C HIS A 118 -5.92 10.85 2.96
N VAL A 119 -5.21 9.81 2.52
CA VAL A 119 -5.55 8.43 2.80
C VAL A 119 -4.52 7.80 3.78
N MET A 120 -3.25 8.12 3.63
CA MET A 120 -2.23 7.55 4.53
C MET A 120 -1.30 8.62 5.09
N MET A 121 -1.03 8.52 6.39
CA MET A 121 -0.07 9.37 7.11
CA MET A 121 -0.03 9.36 7.04
C MET A 121 0.88 8.49 7.89
N ILE A 122 2.15 8.87 7.95
CA ILE A 122 3.14 8.09 8.68
C ILE A 122 3.87 8.88 9.75
N GLY A 123 4.36 8.18 10.76
CA GLY A 123 5.38 8.70 11.66
C GLY A 123 4.94 9.92 12.45
N GLU A 124 5.87 10.83 12.72
CA GLU A 124 5.61 12.03 13.51
C GLU A 124 4.57 12.95 12.85
N GLY A 125 4.58 13.00 11.52
CA GLY A 125 3.54 13.67 10.76
C GLY A 125 2.14 13.20 11.11
N ALA A 126 1.92 11.89 11.12
CA ALA A 126 0.65 11.27 11.50
C ALA A 126 0.30 11.61 12.96
N GLU A 127 1.29 11.51 13.84
CA GLU A 127 1.10 11.79 15.27
C GLU A 127 0.66 13.23 15.49
N ASN A 128 1.35 14.16 14.87
CA ASN A 128 1.05 15.58 15.01
C ASN A 128 -0.34 15.95 14.47
N PHE A 129 -0.70 15.32 13.37
CA PHE A 129 -2.03 15.50 12.79
C PHE A 129 -3.13 15.02 13.81
N ALA A 130 -2.88 13.87 14.41
CA ALA A 130 -3.82 13.25 15.34
C ALA A 130 -3.92 14.03 16.65
N PHE A 131 -2.78 14.54 17.12
CA PHE A 131 -2.70 15.30 18.35
C PHE A 131 -3.63 16.53 18.26
N ALA A 132 -3.57 17.23 17.12
CA ALA A 132 -4.34 18.45 16.92
C ALA A 132 -5.85 18.18 16.84
N ARG A 133 -6.22 16.93 16.58
CA ARG A 133 -7.60 16.50 16.46
C ARG A 133 -8.06 15.58 17.62
N GLY A 134 -7.39 15.72 18.76
CA GLY A 134 -7.86 15.16 20.01
C GLY A 134 -7.19 13.95 20.59
N MET A 135 -6.25 13.34 19.87
CA MET A 135 -5.59 12.15 20.41
C MET A 135 -4.42 12.61 21.29
N GLU A 136 -4.34 11.99 22.46
CA GLU A 136 -3.33 12.37 23.44
C GLU A 136 -2.04 11.66 23.09
N ARG A 137 -0.94 12.26 23.53
CA ARG A 137 0.42 11.77 23.27
C ARG A 137 0.80 10.77 24.37
N VAL A 138 0.84 9.49 24.03
CA VAL A 138 1.26 8.45 24.97
C VAL A 138 2.74 8.10 24.82
N SER A 139 3.27 7.44 25.85
CA SER A 139 4.61 6.86 25.80
C SER A 139 4.48 5.47 25.17
N PRO A 140 5.38 5.07 24.29
CA PRO A 140 5.30 3.73 23.69
C PRO A 140 5.38 2.61 24.71
N GLU A 141 5.90 2.91 25.90
CA GLU A 141 5.99 1.90 26.95
C GLU A 141 4.62 1.36 27.35
N ILE A 142 3.54 2.10 27.09
CA ILE A 142 2.21 1.61 27.48
C ILE A 142 1.79 0.36 26.72
N PHE A 143 2.34 0.15 25.55
CA PHE A 143 2.02 -1.01 24.73
C PHE A 143 2.73 -2.30 25.18
N SER A 144 3.78 -2.15 26.00
CA SER A 144 4.70 -3.26 26.25
C SER A 144 4.07 -4.31 27.16
N THR A 145 4.27 -5.59 26.83
CA THR A 145 3.86 -6.70 27.66
C THR A 145 4.98 -7.70 27.78
N SER A 146 4.96 -8.39 28.90
CA SER A 146 5.86 -9.48 29.14
C SER A 146 5.73 -10.55 28.04
N LEU A 147 4.49 -10.87 27.69
CA LEU A 147 4.21 -11.89 26.70
C LEU A 147 4.99 -11.65 25.41
N ARG A 148 4.92 -10.43 24.90
CA ARG A 148 5.55 -10.11 23.63
C ARG A 148 7.03 -9.89 23.74
N TYR A 149 7.51 -9.45 24.90
CA TYR A 149 8.96 -9.33 25.12
C TYR A 149 9.62 -10.70 25.09
N GLU A 150 9.00 -11.67 25.76
CA GLU A 150 9.46 -13.06 25.72
C GLU A 150 9.48 -13.61 24.29
N GLN A 151 8.46 -13.28 23.51
CA GLN A 151 8.42 -13.74 22.12
C GLN A 151 9.56 -13.14 21.30
N LEU A 152 9.87 -11.87 21.52
CA LEU A 152 11.04 -11.26 20.87
C LEU A 152 12.29 -12.01 21.25
N LEU A 153 12.48 -12.24 22.54
CA LEU A 153 13.67 -12.93 23.00
C LEU A 153 13.79 -14.37 22.44
N ALA A 154 12.68 -15.09 22.39
CA ALA A 154 12.67 -16.47 21.89
C ALA A 154 12.99 -16.48 20.39
N ALA A 155 12.46 -15.48 19.68
CA ALA A 155 12.75 -15.28 18.25
C ALA A 155 14.22 -14.92 18.03
N ARG A 156 14.78 -14.07 18.89
CA ARG A 156 16.22 -13.78 18.83
C ARG A 156 17.05 -15.04 19.02
N LYS A 157 16.67 -15.87 19.98
CA LYS A 157 17.40 -17.07 20.33
C LYS A 157 17.43 -18.06 19.15
N GLU A 158 16.30 -18.23 18.46
CA GLU A 158 16.27 -19.07 17.23
C GLU A 158 17.20 -18.53 16.17
N GLY A 159 17.17 -17.20 15.98
CA GLY A 159 18.12 -16.50 15.13
C GLY A 159 19.58 -16.81 15.42
N ALA A 160 19.92 -16.99 16.70
CA ALA A 160 21.25 -17.46 17.08
C ALA A 160 21.27 -18.99 17.02
N THR B 1 -1.66 -8.80 14.87
CA THR B 1 -2.63 -8.09 13.99
C THR B 1 -4.06 -8.47 14.35
N VAL B 2 -4.95 -7.49 14.28
CA VAL B 2 -6.35 -7.67 14.57
C VAL B 2 -7.16 -7.03 13.47
N GLY B 3 -8.42 -7.37 13.38
CA GLY B 3 -9.23 -6.73 12.37
C GLY B 3 -10.69 -7.06 12.51
N ALA B 4 -11.49 -6.34 11.73
CA ALA B 4 -12.92 -6.53 11.72
C ALA B 4 -13.51 -6.13 10.37
N VAL B 5 -14.51 -6.89 9.95
CA VAL B 5 -15.31 -6.59 8.78
C VAL B 5 -16.79 -6.66 9.18
N ALA B 6 -17.60 -5.84 8.54
CA ALA B 6 -19.04 -5.84 8.82
C ALA B 6 -19.88 -5.37 7.67
N LEU B 7 -21.09 -5.90 7.64
CA LEU B 7 -22.16 -5.45 6.76
C LEU B 7 -23.26 -4.92 7.67
N ASP B 8 -23.64 -3.67 7.48
CA ASP B 8 -24.67 -3.09 8.34
C ASP B 8 -26.07 -3.21 7.80
N LEU B 9 -27.03 -2.77 8.60
CA LEU B 9 -28.44 -2.85 8.23
C LEU B 9 -28.76 -2.05 6.96
N ASP B 10 -27.99 -1.02 6.66
CA ASP B 10 -28.20 -0.20 5.47
C ASP B 10 -27.56 -0.85 4.19
N GLY B 11 -26.88 -1.98 4.34
CA GLY B 11 -26.22 -2.65 3.24
C GLY B 11 -24.81 -2.15 2.96
N ASN B 12 -24.23 -1.38 3.87
CA ASN B 12 -22.85 -0.93 3.71
C ASN B 12 -21.83 -1.88 4.29
N LEU B 13 -20.68 -2.01 3.61
CA LEU B 13 -19.53 -2.81 4.07
C LEU B 13 -18.41 -1.90 4.55
N ALA B 14 -17.66 -2.37 5.53
CA ALA B 14 -16.45 -1.69 6.00
C ALA B 14 -15.44 -2.69 6.58
N ALA B 15 -14.17 -2.29 6.58
CA ALA B 15 -13.09 -3.11 7.10
C ALA B 15 -12.11 -2.23 7.88
N ALA B 16 -11.51 -2.83 8.91
CA ALA B 16 -10.44 -2.20 9.66
C ALA B 16 -9.42 -3.22 10.08
N THR B 17 -8.16 -2.77 10.17
CA THR B 17 -7.05 -3.63 10.57
C THR B 17 -6.09 -2.78 11.43
N SER B 18 -5.53 -3.37 12.47
CA SER B 18 -4.52 -2.71 13.29
C SER B 18 -3.49 -3.73 13.75
N THR B 19 -2.23 -3.30 13.93
CA THR B 19 -1.17 -4.21 14.28
C THR B 19 0.03 -3.49 14.86
N GLY B 20 0.84 -4.25 15.57
CA GLY B 20 2.21 -3.86 15.91
C GLY B 20 3.24 -4.37 14.93
N GLY B 21 2.79 -5.16 13.96
CA GLY B 21 3.67 -5.69 12.93
C GLY B 21 4.20 -7.06 13.24
N MET B 22 5.44 -7.32 12.84
CA MET B 22 6.09 -8.59 13.07
C MET B 22 7.20 -8.43 14.07
N THR B 23 7.25 -9.37 15.00
CA THR B 23 8.31 -9.44 15.99
C THR B 23 9.67 -9.36 15.33
N ASN B 24 10.53 -8.53 15.91
CA ASN B 24 11.92 -8.34 15.45
C ASN B 24 12.07 -7.62 14.11
N LYS B 25 11.02 -6.97 13.61
CA LYS B 25 11.10 -6.20 12.37
C LYS B 25 12.14 -5.05 12.50
N LEU B 26 12.77 -4.68 11.40
CA LEU B 26 13.56 -3.47 11.39
C LEU B 26 12.69 -2.25 11.68
N PRO B 27 13.20 -1.34 12.52
CA PRO B 27 12.50 -0.06 12.68
C PRO B 27 12.29 0.60 11.31
N GLY B 28 11.10 1.11 11.09
CA GLY B 28 10.70 1.69 9.83
C GLY B 28 9.97 0.73 8.91
N ARG B 29 9.90 -0.54 9.27
CA ARG B 29 9.22 -1.52 8.45
C ARG B 29 7.71 -1.34 8.50
N VAL B 30 7.10 -1.39 7.32
CA VAL B 30 5.67 -1.31 7.18
C VAL B 30 5.22 -2.56 6.47
N GLY B 31 4.23 -3.21 7.08
CA GLY B 31 3.64 -4.42 6.55
C GLY B 31 2.36 -4.12 5.74
N ASP B 32 1.54 -5.15 5.59
CA ASP B 32 0.34 -5.05 4.76
C ASP B 32 -0.79 -4.32 5.47
N SER B 33 -0.76 -4.28 6.79
CA SER B 33 -1.96 -3.91 7.55
C SER B 33 -2.48 -2.51 7.24
N PRO B 34 -1.62 -1.49 7.10
CA PRO B 34 -2.10 -0.14 6.82
C PRO B 34 -2.26 0.14 5.34
N LEU B 35 -1.99 -0.81 4.45
CA LEU B 35 -2.00 -0.55 3.03
C LEU B 35 -3.32 -1.03 2.42
N VAL B 36 -4.03 -0.11 1.80
CA VAL B 36 -5.30 -0.38 1.18
C VAL B 36 -5.03 -1.38 0.07
N GLY B 37 -5.86 -2.44 0.02
CA GLY B 37 -5.70 -3.50 -0.97
C GLY B 37 -4.79 -4.65 -0.55
N ALA B 38 -3.94 -4.43 0.45
CA ALA B 38 -3.05 -5.50 0.89
C ALA B 38 -3.62 -6.14 2.16
N GLY B 39 -3.73 -5.37 3.25
CA GLY B 39 -4.25 -5.87 4.51
C GLY B 39 -5.68 -5.50 4.85
N CYS B 40 -6.23 -4.54 4.12
CA CYS B 40 -7.54 -4.01 4.41
C CYS B 40 -8.21 -3.51 3.11
N TYR B 41 -9.48 -3.79 2.91
CA TYR B 41 -10.19 -3.32 1.72
C TYR B 41 -11.68 -3.43 1.95
N ALA B 42 -12.46 -2.47 1.48
CA ALA B 42 -13.93 -2.62 1.47
C ALA B 42 -14.56 -1.84 0.34
N ASN B 43 -15.54 -2.47 -0.31
CA ASN B 43 -16.24 -1.91 -1.44
C ASN B 43 -17.65 -2.52 -1.44
N ASN B 44 -18.69 -1.67 -1.35
CA ASN B 44 -20.09 -2.12 -1.27
C ASN B 44 -20.47 -3.02 -2.41
N ALA B 45 -19.78 -2.88 -3.54
CA ALA B 45 -20.09 -3.65 -4.73
C ALA B 45 -19.48 -5.04 -4.71
N SER B 46 -18.59 -5.31 -3.75
CA SER B 46 -17.95 -6.64 -3.67
C SER B 46 -17.81 -7.19 -2.25
N VAL B 47 -16.80 -6.72 -1.53
CA VAL B 47 -16.36 -7.37 -0.31
C VAL B 47 -15.69 -6.40 0.67
N ALA B 48 -15.68 -6.79 1.95
CA ALA B 48 -14.82 -6.20 2.99
C ALA B 48 -13.88 -7.29 3.47
N VAL B 49 -12.59 -6.95 3.56
CA VAL B 49 -11.56 -7.88 3.91
C VAL B 49 -10.55 -7.30 4.89
N SER B 50 -10.14 -8.11 5.86
CA SER B 50 -9.01 -7.79 6.75
C SER B 50 -8.10 -9.01 6.89
N CYS B 51 -6.80 -8.81 6.73
CA CYS B 51 -5.83 -9.89 6.69
C CYS B 51 -4.90 -9.95 7.90
N THR B 52 -4.24 -11.10 8.04
CA THR B 52 -3.19 -11.29 9.03
C THR B 52 -2.23 -12.37 8.52
N GLY B 53 -0.98 -12.26 8.88
CA GLY B 53 0.02 -13.21 8.46
C GLY B 53 1.31 -12.54 8.03
N THR B 54 2.03 -13.19 7.11
CA THR B 54 3.35 -12.75 6.64
C THR B 54 3.18 -11.57 5.66
N GLY B 55 3.32 -10.38 6.21
CA GLY B 55 2.82 -9.15 5.63
C GLY B 55 3.44 -8.83 4.30
N GLU B 56 4.73 -9.15 4.15
CA GLU B 56 5.45 -8.85 2.91
C GLU B 56 4.77 -9.57 1.71
N VAL B 57 4.35 -10.81 1.91
CA VAL B 57 3.72 -11.58 0.84
C VAL B 57 2.33 -11.04 0.56
N PHE B 58 1.60 -10.61 1.60
CA PHE B 58 0.27 -10.03 1.39
C PHE B 58 0.33 -8.72 0.60
N ILE B 59 1.41 -7.94 0.78
CA ILE B 59 1.63 -6.75 -0.06
C ILE B 59 1.85 -7.13 -1.53
N ARG B 60 2.77 -8.05 -1.76
CA ARG B 60 3.21 -8.39 -3.10
C ARG B 60 2.08 -9.06 -3.92
N ALA B 61 1.21 -9.76 -3.20
CA ALA B 61 0.04 -10.44 -3.78
C ALA B 61 -1.23 -9.57 -3.76
N LEU B 62 -1.19 -8.40 -3.12
CA LEU B 62 -2.37 -7.55 -2.89
C LEU B 62 -3.57 -8.37 -2.45
N ALA B 63 -3.42 -9.09 -1.37
CA ALA B 63 -4.34 -10.14 -1.01
C ALA B 63 -5.78 -9.68 -0.85
N ALA B 64 -6.00 -8.57 -0.14
CA ALA B 64 -7.37 -8.13 0.14
C ALA B 64 -8.08 -7.71 -1.14
N TYR B 65 -7.40 -6.94 -1.99
CA TYR B 65 -7.98 -6.54 -3.24
C TYR B 65 -8.13 -7.73 -4.18
N ASP B 66 -7.23 -8.72 -4.08
CA ASP B 66 -7.29 -9.87 -4.97
C ASP B 66 -8.60 -10.65 -4.70
N ILE B 67 -9.06 -10.68 -3.45
CA ILE B 67 -10.35 -11.29 -3.14
C ILE B 67 -11.43 -10.59 -3.97
N ALA B 68 -11.47 -9.27 -3.89
CA ALA B 68 -12.43 -8.44 -4.63
C ALA B 68 -12.37 -8.65 -6.14
N ALA B 69 -11.17 -8.66 -6.69
CA ALA B 69 -10.94 -8.79 -8.13
C ALA B 69 -11.30 -10.17 -8.65
N LEU B 70 -11.03 -11.19 -7.85
CA LEU B 70 -11.42 -12.55 -8.23
C LEU B 70 -12.93 -12.68 -8.28
N MET B 71 -13.62 -12.02 -7.38
CA MET B 71 -15.07 -11.99 -7.43
C MET B 71 -15.59 -11.12 -8.59
N ASP B 72 -15.08 -9.90 -8.69
CA ASP B 72 -15.55 -8.88 -9.67
C ASP B 72 -15.24 -9.30 -11.09
N TYR B 73 -14.00 -9.75 -11.35
CA TYR B 73 -13.56 -10.07 -12.70
C TYR B 73 -13.37 -11.57 -12.98
N GLY B 74 -13.15 -12.37 -11.94
CA GLY B 74 -12.87 -13.79 -12.11
C GLY B 74 -14.13 -14.65 -12.00
N GLY B 75 -15.22 -14.04 -11.57
CA GLY B 75 -16.49 -14.73 -11.45
C GLY B 75 -16.59 -15.66 -10.24
N LEU B 76 -15.69 -15.52 -9.28
CA LEU B 76 -15.65 -16.44 -8.14
C LEU B 76 -16.63 -16.03 -7.03
N SER B 77 -17.15 -17.03 -6.32
CA SER B 77 -17.84 -16.81 -5.04
C SER B 77 -16.83 -16.32 -4.00
N LEU B 78 -17.35 -15.82 -2.89
CA LEU B 78 -16.50 -15.46 -1.77
C LEU B 78 -15.69 -16.68 -1.33
N ALA B 79 -16.35 -17.82 -1.17
CA ALA B 79 -15.68 -19.03 -0.71
C ALA B 79 -14.55 -19.47 -1.68
N GLU B 80 -14.82 -19.39 -2.98
CA GLU B 80 -13.85 -19.73 -3.99
C GLU B 80 -12.65 -18.78 -4.03
N ALA B 81 -12.93 -17.48 -3.91
CA ALA B 81 -11.89 -16.47 -3.96
C ALA B 81 -10.99 -16.62 -2.75
N CYS B 82 -11.60 -16.87 -1.59
CA CYS B 82 -10.86 -17.04 -0.34
C CYS B 82 -9.97 -18.25 -0.37
N GLU B 83 -10.46 -19.34 -0.93
CA GLU B 83 -9.68 -20.56 -1.09
C GLU B 83 -8.52 -20.33 -2.05
N ARG B 84 -8.78 -19.67 -3.16
CA ARG B 84 -7.73 -19.44 -4.15
C ARG B 84 -6.59 -18.61 -3.53
N VAL B 85 -6.95 -17.53 -2.86
CA VAL B 85 -5.94 -16.60 -2.32
C VAL B 85 -5.14 -17.22 -1.15
N VAL B 86 -5.87 -17.74 -0.17
CA VAL B 86 -5.27 -18.15 1.11
C VAL B 86 -4.72 -19.55 1.06
N MET B 87 -5.42 -20.48 0.40
CA MET B 87 -4.99 -21.87 0.39
C MET B 87 -4.07 -22.24 -0.77
N GLU B 88 -4.00 -21.38 -1.80
CA GLU B 88 -3.25 -21.69 -3.01
C GLU B 88 -2.19 -20.65 -3.32
N LYS B 89 -2.61 -19.42 -3.57
CA LYS B 89 -1.68 -18.41 -4.05
C LYS B 89 -0.69 -17.95 -3.00
N LEU B 90 -1.20 -17.56 -1.83
CA LEU B 90 -0.34 -17.10 -0.75
C LEU B 90 0.72 -18.11 -0.34
N PRO B 91 0.35 -19.37 -0.08
CA PRO B 91 1.36 -20.41 0.22
C PRO B 91 2.38 -20.59 -0.90
N ALA B 92 1.93 -20.56 -2.15
CA ALA B 92 2.81 -20.76 -3.29
C ALA B 92 3.88 -19.67 -3.37
N LEU B 93 3.53 -18.46 -2.91
CA LEU B 93 4.46 -17.34 -2.81
C LEU B 93 5.27 -17.29 -1.52
N GLY B 94 5.04 -18.23 -0.61
CA GLY B 94 5.80 -18.35 0.63
C GLY B 94 5.22 -17.56 1.77
N GLY B 95 3.92 -17.29 1.71
CA GLY B 95 3.26 -16.54 2.73
C GLY B 95 2.34 -17.45 3.53
N SER B 96 2.18 -17.15 4.80
CA SER B 96 1.15 -17.80 5.57
C SER B 96 0.32 -16.81 6.34
N GLY B 97 -0.87 -17.23 6.71
CA GLY B 97 -1.79 -16.42 7.46
C GLY B 97 -3.21 -16.69 7.02
N GLY B 98 -4.04 -15.67 7.13
CA GLY B 98 -5.44 -15.78 6.81
C GLY B 98 -6.08 -14.43 6.65
N LEU B 99 -7.39 -14.45 6.51
CA LEU B 99 -8.15 -13.22 6.45
C LEU B 99 -9.60 -13.50 6.83
N ILE B 100 -10.31 -12.42 7.03
CA ILE B 100 -11.75 -12.46 7.20
C ILE B 100 -12.35 -11.60 6.12
N ALA B 101 -13.51 -12.04 5.67
CA ALA B 101 -14.17 -11.37 4.57
C ALA B 101 -15.67 -11.55 4.65
N ILE B 102 -16.38 -10.48 4.28
CA ILE B 102 -17.84 -10.48 4.10
C ILE B 102 -18.17 -9.83 2.78
N ASP B 103 -19.01 -10.49 1.99
CA ASP B 103 -19.45 -9.92 0.74
C ASP B 103 -20.79 -9.17 0.82
N HIS B 104 -21.15 -8.53 -0.27
CA HIS B 104 -22.35 -7.68 -0.31
C HIS B 104 -23.64 -8.48 -0.08
N GLU B 105 -23.59 -9.80 -0.26
CA GLU B 105 -24.74 -10.68 -0.03
C GLU B 105 -24.81 -11.19 1.40
N GLY B 106 -23.84 -10.86 2.23
CA GLY B 106 -23.83 -11.27 3.63
C GLY B 106 -23.18 -12.61 3.89
N ASN B 107 -22.53 -13.16 2.87
CA ASN B 107 -21.71 -14.34 3.06
C ASN B 107 -20.47 -13.98 3.86
N VAL B 108 -20.02 -14.89 4.72
CA VAL B 108 -18.82 -14.68 5.53
CA VAL B 108 -18.83 -14.69 5.54
C VAL B 108 -17.84 -15.83 5.33
N ALA B 109 -16.55 -15.49 5.34
CA ALA B 109 -15.47 -16.46 5.24
C ALA B 109 -14.29 -16.06 6.13
N LEU B 110 -13.65 -17.05 6.74
CA LEU B 110 -12.55 -16.85 7.66
C LEU B 110 -11.43 -17.85 7.35
N PRO B 111 -10.90 -17.83 6.12
CA PRO B 111 -9.89 -18.81 5.73
C PRO B 111 -8.54 -18.56 6.39
N PHE B 112 -7.83 -19.61 6.75
CA PHE B 112 -6.43 -19.48 7.15
C PHE B 112 -5.67 -20.74 6.84
N ASN B 113 -4.37 -20.61 6.59
CA ASN B 113 -3.49 -21.73 6.22
C ASN B 113 -2.47 -22.06 7.31
N THR B 114 -2.63 -21.40 8.45
CA THR B 114 -1.76 -21.60 9.60
C THR B 114 -2.42 -22.59 10.58
N GLU B 115 -1.71 -22.98 11.62
CA GLU B 115 -2.27 -23.82 12.70
C GLU B 115 -3.51 -23.19 13.34
N GLY B 116 -3.47 -21.88 13.50
CA GLY B 116 -4.58 -21.17 14.11
C GLY B 116 -4.80 -19.77 13.62
N MET B 117 -5.97 -19.25 13.93
CA MET B 117 -6.27 -17.84 13.73
C MET B 117 -7.37 -17.49 14.72
N TYR B 118 -7.05 -16.62 15.69
CA TYR B 118 -8.05 -16.13 16.64
C TYR B 118 -9.14 -15.40 15.85
N ARG B 119 -10.38 -15.79 16.07
CA ARG B 119 -11.46 -15.29 15.23
C ARG B 119 -12.83 -15.51 15.83
N ALA B 120 -13.77 -14.69 15.37
CA ALA B 120 -15.18 -14.80 15.75
C ALA B 120 -16.05 -14.15 14.68
N TRP B 121 -17.28 -14.61 14.57
CA TRP B 121 -18.28 -13.96 13.72
C TRP B 121 -19.70 -14.19 14.23
N GLY B 122 -20.62 -13.37 13.77
CA GLY B 122 -22.01 -13.48 14.16
C GLY B 122 -22.90 -12.55 13.36
N TYR B 123 -24.06 -13.08 12.98
CA TYR B 123 -25.13 -12.29 12.39
C TYR B 123 -25.76 -11.42 13.50
N ALA B 124 -26.19 -10.20 13.14
CA ALA B 124 -26.94 -9.36 14.07
C ALA B 124 -28.15 -10.13 14.60
N GLY B 125 -28.32 -10.13 15.92
CA GLY B 125 -29.45 -10.79 16.56
C GLY B 125 -29.33 -12.31 16.70
N ASP B 126 -28.11 -12.83 16.56
CA ASP B 126 -27.87 -14.28 16.63
C ASP B 126 -26.68 -14.54 17.55
N THR B 127 -26.48 -15.78 17.96
CA THR B 127 -25.34 -16.11 18.83
C THR B 127 -24.08 -16.18 18.00
N PRO B 128 -22.99 -15.67 18.53
CA PRO B 128 -21.71 -15.68 17.80
C PRO B 128 -21.00 -17.02 17.84
N THR B 129 -20.04 -17.18 16.94
CA THR B 129 -19.17 -18.31 16.88
C THR B 129 -17.76 -17.80 17.05
N THR B 130 -16.98 -18.49 17.86
CA THR B 130 -15.57 -18.15 18.05
C THR B 130 -14.72 -19.36 17.74
N GLY B 131 -13.45 -19.11 17.46
CA GLY B 131 -12.54 -20.19 17.14
C GLY B 131 -11.09 -19.75 17.23
N ILE B 132 -10.22 -20.76 17.37
CA ILE B 132 -8.78 -20.58 17.36
C ILE B 132 -8.13 -21.49 16.33
N TYR B 133 -8.44 -22.78 16.39
CA TYR B 133 -7.82 -23.79 15.54
C TYR B 133 -8.64 -24.09 14.26
N ARG B 134 -8.12 -24.98 13.43
CA ARG B 134 -8.81 -25.43 12.21
C ARG B 134 -9.99 -26.33 12.48
N GLU B 135 -10.97 -26.28 11.56
CA GLU B 135 -12.07 -27.27 11.35
C GLU B 135 -13.39 -26.53 11.46
N GLY C 1 13.53 -11.20 -29.23
CA GLY C 1 12.95 -10.30 -28.19
C GLY C 1 12.22 -9.11 -28.80
N LYS C 2 11.31 -8.55 -28.02
CA LYS C 2 10.41 -7.44 -28.41
C LYS C 2 10.51 -6.37 -27.32
N ALA C 3 11.74 -6.03 -26.94
CA ALA C 3 11.97 -5.27 -25.72
C ALA C 3 11.59 -3.81 -25.89
N VAL C 4 11.07 -3.22 -24.82
CA VAL C 4 10.55 -1.87 -24.89
C VAL C 4 10.57 -1.20 -23.52
N ILE C 5 10.66 0.13 -23.54
CA ILE C 5 10.59 0.95 -22.35
C ILE C 5 9.61 2.12 -22.51
N ALA C 6 8.89 2.44 -21.45
CA ALA C 6 8.18 3.70 -21.34
C ALA C 6 8.55 4.41 -20.03
N ILE C 7 8.59 5.73 -20.05
CA ILE C 7 8.80 6.56 -18.87
C ILE C 7 7.75 7.68 -18.81
N HIS C 8 7.55 8.22 -17.63
CA HIS C 8 6.76 9.41 -17.47
C HIS C 8 7.43 10.34 -16.44
N GLY C 9 7.07 11.61 -16.52
CA GLY C 9 7.55 12.61 -15.59
C GLY C 9 6.40 13.40 -14.99
N GLY C 10 5.22 12.78 -14.90
CA GLY C 10 4.09 13.34 -14.19
C GLY C 10 2.97 13.85 -15.08
N ALA C 11 1.76 13.69 -14.58
CA ALA C 11 0.55 14.17 -15.25
C ALA C 11 -0.09 15.21 -14.37
N GLY C 12 -0.82 16.14 -14.95
CA GLY C 12 -1.59 17.09 -14.16
C GLY C 12 -0.86 18.35 -13.70
N ALA C 13 0.47 18.37 -13.82
CA ALA C 13 1.31 19.53 -13.49
C ALA C 13 1.46 20.48 -14.69
N ILE C 14 0.82 20.12 -15.81
CA ILE C 14 1.05 20.74 -17.11
C ILE C 14 -0.12 21.59 -17.56
N SER C 15 0.22 22.73 -18.18
CA SER C 15 -0.71 23.63 -18.83
C SER C 15 -0.02 24.52 -19.88
N ARG C 16 -0.57 24.51 -21.08
CA ARG C 16 0.02 25.11 -22.26
C ARG C 16 0.13 26.65 -22.18
N ALA C 17 -0.86 27.28 -21.52
CA ALA C 17 -0.90 28.73 -21.40
C ALA C 17 0.09 29.26 -20.34
N GLN C 18 0.50 28.40 -19.43
CA GLN C 18 1.42 28.76 -18.35
C GLN C 18 2.85 28.34 -18.63
N MET C 19 3.09 27.67 -19.75
CA MET C 19 4.42 27.18 -20.08
C MET C 19 4.99 27.93 -21.27
N SER C 20 6.31 27.82 -21.45
CA SER C 20 6.98 28.43 -22.59
C SER C 20 7.49 27.33 -23.52
N LEU C 21 7.77 27.67 -24.76
CA LEU C 21 8.38 26.71 -25.67
C LEU C 21 9.74 26.24 -25.13
N GLN C 22 10.54 27.14 -24.57
CA GLN C 22 11.86 26.72 -24.06
C GLN C 22 11.70 25.72 -22.93
N GLN C 23 10.73 25.90 -22.05
CA GLN C 23 10.48 24.92 -20.99
C GLN C 23 10.07 23.57 -21.60
N GLU C 24 9.18 23.61 -22.59
CA GLU C 24 8.70 22.41 -23.28
C GLU C 24 9.84 21.65 -23.94
N LEU C 25 10.75 22.36 -24.60
CA LEU C 25 11.91 21.75 -25.25
C LEU C 25 12.82 21.06 -24.24
N ARG C 26 13.05 21.70 -23.11
CA ARG C 26 13.87 21.11 -22.06
C ARG C 26 13.28 19.79 -21.56
N TYR C 27 11.96 19.73 -21.39
CA TYR C 27 11.31 18.50 -20.99
C TYR C 27 11.44 17.42 -22.05
N ILE C 28 11.28 17.82 -23.31
CA ILE C 28 11.36 16.89 -24.42
C ILE C 28 12.78 16.33 -24.53
N GLU C 29 13.79 17.21 -24.41
CA GLU C 29 15.20 16.82 -24.37
C GLU C 29 15.53 15.84 -23.25
N ALA C 30 15.02 16.09 -22.04
CA ALA C 30 15.29 15.22 -20.90
C ALA C 30 14.66 13.84 -21.10
N LEU C 31 13.37 13.81 -21.47
CA LEU C 31 12.65 12.58 -21.72
C LEU C 31 13.31 11.76 -22.82
N SER C 32 13.72 12.43 -23.89
CA SER C 32 14.33 11.76 -25.02
C SER C 32 15.70 11.14 -24.62
N ALA C 33 16.49 11.87 -23.84
CA ALA C 33 17.80 11.38 -23.41
C ALA C 33 17.64 10.18 -22.46
N ILE C 34 16.66 10.25 -21.57
CA ILE C 34 16.49 9.18 -20.58
C ILE C 34 15.89 7.91 -21.21
N VAL C 35 14.88 8.08 -22.04
CA VAL C 35 14.32 6.92 -22.72
C VAL C 35 15.34 6.23 -23.66
N GLU C 36 16.20 7.02 -24.33
CA GLU C 36 17.29 6.54 -25.17
C GLU C 36 18.24 5.67 -24.38
N THR C 37 18.61 6.14 -23.19
CA THR C 37 19.50 5.42 -22.30
C THR C 37 18.89 4.06 -21.96
N GLY C 38 17.58 4.04 -21.70
CA GLY C 38 16.85 2.84 -21.39
C GLY C 38 16.80 1.85 -22.54
N GLN C 39 16.57 2.37 -23.74
CA GLN C 39 16.54 1.58 -24.94
C GLN C 39 17.87 0.89 -25.18
N LYS C 40 18.93 1.67 -25.09
CA LYS C 40 20.29 1.17 -25.30
C LYS C 40 20.65 0.08 -24.29
N MET C 41 20.24 0.27 -23.05
CA MET C 41 20.44 -0.74 -22.01
C MET C 41 19.67 -2.03 -22.36
N LEU C 42 18.42 -1.90 -22.77
CA LEU C 42 17.62 -3.07 -23.19
C LEU C 42 18.25 -3.81 -24.36
N GLU C 43 18.73 -3.05 -25.34
CA GLU C 43 19.36 -3.60 -26.52
C GLU C 43 20.59 -4.41 -26.15
N ALA C 44 21.31 -3.95 -25.15
CA ALA C 44 22.54 -4.57 -24.66
C ALA C 44 22.29 -5.78 -23.73
N GLY C 45 21.04 -6.12 -23.48
CA GLY C 45 20.68 -7.28 -22.69
C GLY C 45 20.59 -7.05 -21.19
N GLU C 46 20.47 -5.79 -20.76
CA GLU C 46 20.26 -5.48 -19.34
C GLU C 46 18.83 -5.84 -18.94
N SER C 47 18.66 -6.19 -17.68
CA SER C 47 17.37 -6.59 -17.16
C SER C 47 16.40 -5.42 -17.11
N ALA C 48 15.11 -5.73 -17.26
CA ALA C 48 14.05 -4.75 -17.07
C ALA C 48 14.19 -4.05 -15.71
N LEU C 49 14.55 -4.80 -14.67
CA LEU C 49 14.68 -4.26 -13.32
C LEU C 49 15.78 -3.18 -13.21
N ASP C 50 16.93 -3.46 -13.81
CA ASP C 50 18.02 -2.50 -13.90
C ASP C 50 17.69 -1.31 -14.78
N VAL C 51 16.93 -1.53 -15.85
CA VAL C 51 16.55 -0.46 -16.75
C VAL C 51 15.59 0.51 -16.06
N VAL C 52 14.55 0.02 -15.35
CA VAL C 52 13.59 0.94 -14.75
C VAL C 52 14.23 1.67 -13.57
N THR C 53 15.19 1.01 -12.92
CA THR C 53 15.90 1.58 -11.80
C THR C 53 16.75 2.77 -12.28
N GLU C 54 17.48 2.56 -13.36
CA GLU C 54 18.35 3.57 -13.93
C GLU C 54 17.56 4.71 -14.54
N ALA C 55 16.47 4.41 -15.25
CA ALA C 55 15.66 5.46 -15.83
C ALA C 55 15.08 6.37 -14.72
N VAL C 56 14.55 5.77 -13.65
CA VAL C 56 13.97 6.54 -12.55
C VAL C 56 15.06 7.30 -11.79
N ARG C 57 16.24 6.69 -11.63
CA ARG C 57 17.37 7.40 -11.01
C ARG C 57 17.71 8.66 -11.81
N LEU C 58 17.65 8.60 -13.14
CA LEU C 58 17.96 9.75 -14.00
C LEU C 58 16.90 10.84 -13.90
N LEU C 59 15.65 10.44 -13.77
CA LEU C 59 14.52 11.34 -13.61
C LEU C 59 14.58 12.01 -12.23
N GLU C 60 15.04 11.26 -11.22
CA GLU C 60 15.33 11.81 -9.90
C GLU C 60 16.39 12.90 -10.01
N GLU C 61 17.51 12.58 -10.63
CA GLU C 61 18.62 13.51 -10.78
C GLU C 61 18.25 14.80 -11.55
N CYS C 62 17.31 14.72 -12.46
CA CYS C 62 16.98 15.87 -13.32
C CYS C 62 16.05 16.83 -12.54
N PRO C 63 16.46 18.07 -12.32
CA PRO C 63 15.63 18.98 -11.53
C PRO C 63 14.28 19.39 -12.15
N LEU C 64 13.99 19.01 -13.39
CA LEU C 64 12.72 19.37 -14.04
C LEU C 64 11.54 18.58 -13.47
N PHE C 65 11.84 17.42 -12.86
CA PHE C 65 10.83 16.50 -12.43
C PHE C 65 10.76 16.39 -10.90
N ASN C 66 9.54 16.23 -10.43
CA ASN C 66 9.18 16.11 -9.03
C ASN C 66 9.47 14.69 -8.52
N ALA C 67 10.77 14.47 -8.28
CA ALA C 67 11.33 13.28 -7.69
C ALA C 67 12.79 13.58 -7.46
N GLY C 68 13.34 13.17 -6.32
CA GLY C 68 14.72 13.50 -6.02
C GLY C 68 14.95 15.00 -6.15
N ILE C 69 16.04 15.38 -6.81
CA ILE C 69 16.34 16.78 -7.05
C ILE C 69 15.18 17.40 -7.83
N GLY C 70 14.57 18.46 -7.29
CA GLY C 70 13.40 19.05 -7.91
C GLY C 70 12.07 18.60 -7.31
N ALA C 71 12.14 17.92 -6.16
CA ALA C 71 10.94 17.54 -5.44
C ALA C 71 10.10 18.74 -5.00
N VAL C 72 8.79 18.54 -4.94
CA VAL C 72 7.90 19.54 -4.37
C VAL C 72 8.13 19.69 -2.85
N PHE C 73 7.61 20.80 -2.34
CA PHE C 73 7.72 21.15 -0.93
C PHE C 73 6.44 20.78 -0.20
N THR C 74 6.59 20.29 1.03
CA THR C 74 5.47 20.11 1.94
C THR C 74 4.99 21.45 2.44
N ARG C 75 3.95 21.39 3.26
CA ARG C 75 3.34 22.56 3.91
CA ARG C 75 3.35 22.54 3.91
C ARG C 75 4.37 23.30 4.76
N ASP C 76 5.35 22.57 5.29
CA ASP C 76 6.37 23.13 6.19
C ASP C 76 7.68 23.51 5.48
N GLU C 77 7.67 23.55 4.15
CA GLU C 77 8.87 23.88 3.34
C GLU C 77 9.98 22.84 3.42
N THR C 78 9.59 21.57 3.53
CA THR C 78 10.51 20.45 3.63
C THR C 78 10.29 19.54 2.43
N HIS C 79 11.13 18.53 2.26
CA HIS C 79 10.94 17.50 1.25
C HIS C 79 10.83 16.14 1.93
N GLU C 80 9.86 15.35 1.46
CA GLU C 80 9.61 14.00 1.93
C GLU C 80 9.36 13.18 0.68
N LEU C 81 10.25 12.24 0.41
CA LEU C 81 10.29 11.55 -0.88
C LEU C 81 9.84 10.10 -0.71
N ASP C 82 9.21 9.57 -1.76
CA ASP C 82 8.71 8.19 -1.81
C ASP C 82 9.19 7.52 -3.10
N ALA C 83 9.41 6.21 -3.06
CA ALA C 83 9.66 5.45 -4.29
C ALA C 83 9.35 3.98 -4.16
N CYS C 84 9.15 3.34 -5.30
CA CYS C 84 8.87 1.90 -5.35
C CYS C 84 9.52 1.29 -6.59
N VAL C 85 9.92 0.03 -6.48
CA VAL C 85 10.41 -0.74 -7.63
C VAL C 85 9.85 -2.16 -7.49
N MET C 86 9.45 -2.77 -8.61
CA MET C 86 8.90 -4.11 -8.59
C MET C 86 9.41 -4.96 -9.77
N ASP C 87 9.71 -6.22 -9.47
CA ASP C 87 10.19 -7.23 -10.41
C ASP C 87 9.06 -8.21 -10.74
N GLY C 88 8.56 -8.13 -11.97
CA GLY C 88 7.52 -9.02 -12.46
C GLY C 88 7.86 -10.51 -12.47
N ASN C 89 9.15 -10.86 -12.48
CA ASN C 89 9.57 -12.28 -12.57
C ASN C 89 9.40 -13.03 -11.24
N THR C 90 9.58 -12.31 -10.14
CA THR C 90 9.57 -12.87 -8.80
C THR C 90 8.49 -12.25 -7.89
N LEU C 91 7.84 -11.20 -8.37
CA LEU C 91 7.01 -10.31 -7.55
C LEU C 91 7.73 -9.67 -6.37
N LYS C 92 9.08 -9.69 -6.36
CA LYS C 92 9.82 -8.93 -5.36
C LYS C 92 9.52 -7.45 -5.54
N ALA C 93 9.45 -6.73 -4.44
CA ALA C 93 9.24 -5.30 -4.50
C ALA C 93 9.99 -4.67 -3.36
N GLY C 94 10.34 -3.41 -3.53
CA GLY C 94 10.92 -2.61 -2.46
C GLY C 94 10.42 -1.19 -2.56
N ALA C 95 10.24 -0.55 -1.41
CA ALA C 95 9.70 0.79 -1.36
C ALA C 95 10.20 1.54 -0.14
N VAL C 96 10.36 2.84 -0.31
CA VAL C 96 10.56 3.76 0.81
C VAL C 96 9.56 4.93 0.75
N ALA C 97 9.23 5.50 1.90
CA ALA C 97 8.39 6.69 1.95
C ALA C 97 8.84 7.57 3.07
N GLY C 98 8.64 8.88 2.91
CA GLY C 98 8.93 9.85 3.96
C GLY C 98 10.41 9.99 4.22
N VAL C 99 11.22 9.81 3.19
CA VAL C 99 12.67 9.95 3.34
C VAL C 99 13.14 11.33 2.87
N SER C 100 14.02 11.96 3.65
CA SER C 100 14.52 13.29 3.37
C SER C 100 16.07 13.35 3.24
N HIS C 101 16.78 12.28 3.59
CA HIS C 101 18.23 12.30 3.65
C HIS C 101 18.90 11.29 2.69
N LEU C 102 18.14 10.82 1.71
CA LEU C 102 18.62 9.91 0.69
C LEU C 102 18.47 10.56 -0.70
N ARG C 103 19.59 10.71 -1.40
CA ARG C 103 19.60 11.41 -2.68
C ARG C 103 18.67 10.77 -3.74
N ASN C 104 18.70 9.45 -3.80
CA ASN C 104 17.94 8.68 -4.79
C ASN C 104 17.06 7.66 -4.12
N PRO C 105 15.84 8.08 -3.78
CA PRO C 105 14.86 7.17 -3.21
C PRO C 105 14.71 5.83 -3.99
N VAL C 106 14.74 5.84 -5.32
CA VAL C 106 14.57 4.56 -6.05
C VAL C 106 15.72 3.56 -5.77
N LEU C 107 16.92 4.08 -5.55
CA LEU C 107 18.06 3.23 -5.16
C LEU C 107 17.88 2.65 -3.74
N ALA C 108 17.34 3.45 -2.83
CA ALA C 108 16.99 2.97 -1.51
C ALA C 108 15.88 1.90 -1.57
N ALA C 109 14.91 2.13 -2.42
CA ALA C 109 13.83 1.16 -2.60
C ALA C 109 14.40 -0.17 -3.13
N ARG C 110 15.36 -0.10 -4.05
CA ARG C 110 16.00 -1.30 -4.59
C ARG C 110 16.82 -2.07 -3.51
N LEU C 111 17.46 -1.32 -2.63
CA LEU C 111 18.13 -1.84 -1.47
C LEU C 111 17.17 -2.58 -0.53
N VAL C 112 15.99 -2.01 -0.32
CA VAL C 112 14.98 -2.66 0.49
C VAL C 112 14.57 -3.99 -0.15
N MET C 113 14.31 -3.98 -1.44
CA MET C 113 13.95 -5.20 -2.17
C MET C 113 15.03 -6.27 -2.01
N GLU C 114 16.27 -5.86 -2.23
CA GLU C 114 17.36 -6.82 -2.38
C GLU C 114 18.18 -7.15 -1.13
N GLN C 115 18.24 -6.26 -0.15
CA GLN C 115 19.11 -6.45 1.00
C GLN C 115 18.37 -6.35 2.34
N SER C 116 17.05 -6.49 2.33
CA SER C 116 16.25 -6.62 3.57
C SER C 116 15.21 -7.74 3.40
N PRO C 117 14.65 -8.22 4.50
CA PRO C 117 13.52 -9.17 4.44
C PRO C 117 12.17 -8.45 4.33
N HIS C 118 12.20 -7.17 4.00
CA HIS C 118 10.99 -6.36 3.98
C HIS C 118 10.69 -5.83 2.59
N VAL C 119 9.51 -5.26 2.44
CA VAL C 119 9.05 -4.69 1.20
C VAL C 119 9.01 -3.17 1.28
N MET C 120 8.60 -2.65 2.42
CA MET C 120 8.47 -1.22 2.59
C MET C 120 9.11 -0.72 3.89
N MET C 121 9.90 0.35 3.77
CA MET C 121 10.48 1.02 4.92
CA MET C 121 10.54 1.02 4.90
C MET C 121 10.23 2.52 4.85
N ILE C 122 10.01 3.14 6.02
CA ILE C 122 9.72 4.59 6.06
C ILE C 122 10.65 5.38 6.95
N GLY C 123 10.81 6.66 6.64
CA GLY C 123 11.40 7.63 7.53
C GLY C 123 12.82 7.32 7.97
N GLU C 124 13.12 7.69 9.20
CA GLU C 124 14.45 7.53 9.75
C GLU C 124 14.89 6.07 9.79
N GLY C 125 13.96 5.11 9.94
CA GLY C 125 14.35 3.70 9.89
C GLY C 125 14.82 3.25 8.50
N ALA C 126 14.14 3.74 7.47
CA ALA C 126 14.55 3.51 6.08
C ALA C 126 15.91 4.14 5.81
N GLU C 127 16.13 5.35 6.30
CA GLU C 127 17.41 6.04 6.15
C GLU C 127 18.54 5.30 6.87
N ASN C 128 18.30 4.89 8.11
CA ASN C 128 19.31 4.17 8.88
C ASN C 128 19.68 2.83 8.24
N PHE C 129 18.68 2.13 7.73
CA PHE C 129 18.88 0.89 6.99
C PHE C 129 19.79 1.15 5.80
N ALA C 130 19.51 2.21 5.04
CA ALA C 130 20.27 2.54 3.84
C ALA C 130 21.69 2.92 4.18
N PHE C 131 21.85 3.74 5.21
CA PHE C 131 23.16 4.18 5.63
C PHE C 131 24.03 2.99 6.04
N ALA C 132 23.41 2.00 6.65
CA ALA C 132 24.10 0.80 7.11
C ALA C 132 24.54 -0.08 5.93
N ARG C 133 23.81 0.01 4.81
CA ARG C 133 24.19 -0.68 3.56
C ARG C 133 25.14 0.12 2.67
N GLY C 134 25.74 1.19 3.19
CA GLY C 134 26.69 1.98 2.43
C GLY C 134 26.16 3.20 1.69
N MET C 135 24.85 3.45 1.72
CA MET C 135 24.29 4.62 1.05
C MET C 135 24.64 5.90 1.81
N GLU C 136 24.80 6.98 1.07
CA GLU C 136 25.27 8.24 1.63
C GLU C 136 24.10 9.02 2.21
N ARG C 137 24.39 9.82 3.24
CA ARG C 137 23.44 10.74 3.85
C ARG C 137 23.63 12.16 3.29
N VAL C 138 22.54 12.76 2.80
CA VAL C 138 22.58 14.10 2.23
C VAL C 138 21.68 15.03 3.02
N SER C 139 21.89 16.33 2.86
CA SER C 139 20.98 17.33 3.42
C SER C 139 19.76 17.46 2.49
N PRO C 140 18.55 17.56 3.03
CA PRO C 140 17.36 17.78 2.19
C PRO C 140 17.40 19.11 1.43
N GLU C 141 18.30 20.01 1.82
CA GLU C 141 18.62 21.18 1.01
C GLU C 141 18.90 20.89 -0.48
N ILE C 142 19.54 19.75 -0.79
CA ILE C 142 19.94 19.48 -2.18
C ILE C 142 18.78 19.31 -3.15
N PHE C 143 17.59 19.02 -2.64
CA PHE C 143 16.43 18.81 -3.51
C PHE C 143 15.72 20.11 -3.93
N SER C 144 15.98 21.19 -3.22
CA SER C 144 15.18 22.42 -3.33
C SER C 144 15.44 23.17 -4.62
N THR C 145 14.38 23.57 -5.31
CA THR C 145 14.47 24.44 -6.50
C THR C 145 13.54 25.65 -6.35
N SER C 146 13.85 26.73 -7.07
CA SER C 146 12.96 27.89 -7.10
C SER C 146 11.64 27.58 -7.81
N LEU C 147 11.66 26.73 -8.84
CA LEU C 147 10.42 26.36 -9.52
C LEU C 147 9.36 25.85 -8.51
N ARG C 148 9.75 24.85 -7.72
CA ARG C 148 8.83 24.24 -6.77
C ARG C 148 8.52 25.14 -5.56
N TYR C 149 9.46 25.96 -5.15
CA TYR C 149 9.21 26.88 -4.05
C TYR C 149 8.12 27.85 -4.48
N GLU C 150 8.24 28.37 -5.71
CA GLU C 150 7.29 29.35 -6.24
C GLU C 150 5.92 28.67 -6.40
N GLN C 151 5.91 27.38 -6.70
CA GLN C 151 4.63 26.64 -6.76
C GLN C 151 3.97 26.45 -5.39
N LEU C 152 4.79 26.31 -4.34
CA LEU C 152 4.29 26.21 -2.98
C LEU C 152 3.55 27.48 -2.61
N LEU C 153 4.15 28.62 -2.91
CA LEU C 153 3.52 29.92 -2.68
C LEU C 153 2.22 30.11 -3.48
N ALA C 154 2.16 29.56 -4.69
CA ALA C 154 0.95 29.65 -5.52
C ALA C 154 -0.19 28.82 -4.95
N ALA C 155 0.13 27.65 -4.39
CA ALA C 155 -0.84 26.80 -3.71
C ALA C 155 -1.39 27.46 -2.43
N ARG C 156 -0.60 28.35 -1.82
CA ARG C 156 -1.12 29.30 -0.84
C ARG C 156 -1.76 30.47 -1.60
N THR D 1 6.10 13.59 -9.83
CA THR D 1 6.25 12.10 -9.89
C THR D 1 6.84 11.65 -11.21
N VAL D 2 7.65 10.60 -11.15
CA VAL D 2 8.33 10.03 -12.30
C VAL D 2 8.17 8.52 -12.25
N GLY D 3 8.33 7.89 -13.42
CA GLY D 3 8.24 6.44 -13.45
C GLY D 3 8.76 5.84 -14.72
N ALA D 4 8.99 4.54 -14.66
CA ALA D 4 9.46 3.76 -15.79
C ALA D 4 8.89 2.36 -15.74
N VAL D 5 8.61 1.82 -16.92
CA VAL D 5 8.23 0.41 -17.06
C VAL D 5 9.04 -0.17 -18.23
N ALA D 6 9.39 -1.45 -18.15
CA ALA D 6 10.15 -2.08 -19.23
C ALA D 6 9.87 -3.56 -19.37
N LEU D 7 10.02 -4.03 -20.61
CA LEU D 7 10.05 -5.43 -20.92
C LEU D 7 11.43 -5.69 -21.53
N ASP D 8 12.16 -6.66 -20.99
CA ASP D 8 13.51 -6.91 -21.46
C ASP D 8 13.55 -8.03 -22.49
N LEU D 9 14.72 -8.32 -23.02
CA LEU D 9 14.89 -9.34 -24.06
C LEU D 9 14.62 -10.76 -23.56
N ASP D 10 14.74 -10.97 -22.25
CA ASP D 10 14.38 -12.25 -21.61
C ASP D 10 12.87 -12.39 -21.36
N GLY D 11 12.08 -11.35 -21.65
CA GLY D 11 10.65 -11.43 -21.44
C GLY D 11 10.20 -11.01 -20.05
N ASN D 12 11.08 -10.40 -19.28
CA ASN D 12 10.71 -9.95 -17.94
C ASN D 12 10.25 -8.49 -17.92
N LEU D 13 9.21 -8.26 -17.11
CA LEU D 13 8.63 -6.95 -16.85
C LEU D 13 9.11 -6.40 -15.50
N ALA D 14 9.26 -5.08 -15.41
CA ALA D 14 9.56 -4.38 -14.17
C ALA D 14 8.98 -2.99 -14.22
N ALA D 15 8.76 -2.41 -13.05
CA ALA D 15 8.25 -1.05 -12.92
C ALA D 15 8.91 -0.34 -11.74
N ALA D 16 8.96 0.98 -11.81
CA ALA D 16 9.49 1.81 -10.73
C ALA D 16 8.84 3.17 -10.77
N THR D 17 8.67 3.77 -9.60
CA THR D 17 8.05 5.07 -9.42
C THR D 17 8.78 5.82 -8.30
N SER D 18 8.93 7.13 -8.46
CA SER D 18 9.54 8.00 -7.45
C SER D 18 8.85 9.34 -7.46
N THR D 19 8.74 9.98 -6.31
CA THR D 19 8.09 11.28 -6.22
C THR D 19 8.53 12.11 -5.00
N GLY D 20 8.26 13.41 -5.06
CA GLY D 20 8.28 14.30 -3.88
C GLY D 20 6.87 14.49 -3.30
N GLY D 21 5.88 13.91 -3.96
CA GLY D 21 4.50 13.97 -3.52
C GLY D 21 3.72 15.08 -4.18
N MET D 22 2.81 15.69 -3.41
CA MET D 22 2.00 16.79 -3.90
C MET D 22 2.36 18.06 -3.15
N THR D 23 2.54 19.17 -3.89
CA THR D 23 2.84 20.49 -3.30
C THR D 23 1.88 20.82 -2.15
N ASN D 24 2.43 21.40 -1.09
CA ASN D 24 1.69 21.76 0.13
C ASN D 24 1.09 20.60 0.93
N LYS D 25 1.55 19.38 0.71
CA LYS D 25 1.05 18.26 1.49
C LYS D 25 1.39 18.45 2.97
N LEU D 26 0.54 17.86 3.80
CA LEU D 26 0.80 17.72 5.21
C LEU D 26 2.04 16.85 5.35
N PRO D 27 3.00 17.24 6.18
CA PRO D 27 4.10 16.34 6.51
C PRO D 27 3.56 14.99 7.01
N GLY D 28 4.09 13.88 6.49
CA GLY D 28 3.67 12.54 6.89
C GLY D 28 2.77 11.90 5.84
N ARG D 29 2.27 12.72 4.92
CA ARG D 29 1.39 12.20 3.88
C ARG D 29 2.13 11.25 2.91
N VAL D 30 1.49 10.14 2.61
CA VAL D 30 2.01 9.18 1.63
C VAL D 30 0.93 9.03 0.57
N GLY D 31 1.33 9.21 -0.69
CA GLY D 31 0.47 9.01 -1.84
C GLY D 31 0.61 7.62 -2.40
N ASP D 32 0.16 7.43 -3.64
CA ASP D 32 0.17 6.11 -4.28
C ASP D 32 1.56 5.62 -4.72
N SER D 33 2.47 6.56 -4.99
CA SER D 33 3.74 6.21 -5.64
C SER D 33 4.54 5.05 -5.01
N PRO D 34 4.69 5.00 -3.69
CA PRO D 34 5.44 3.91 -3.07
C PRO D 34 4.61 2.70 -2.72
N LEU D 35 3.32 2.66 -3.08
CA LEU D 35 2.43 1.58 -2.64
C LEU D 35 2.21 0.58 -3.76
N VAL D 36 2.60 -0.67 -3.50
CA VAL D 36 2.51 -1.73 -4.51
C VAL D 36 1.03 -1.90 -4.85
N GLY D 37 0.73 -2.01 -6.14
CA GLY D 37 -0.63 -2.08 -6.62
C GLY D 37 -1.37 -0.77 -6.83
N ALA D 38 -0.91 0.32 -6.21
CA ALA D 38 -1.52 1.64 -6.36
C ALA D 38 -0.76 2.45 -7.42
N GLY D 39 0.48 2.82 -7.13
CA GLY D 39 1.27 3.61 -8.05
C GLY D 39 2.34 2.86 -8.85
N CYS D 40 2.54 1.58 -8.56
CA CYS D 40 3.64 0.79 -9.11
C CYS D 40 3.26 -0.67 -9.03
N TYR D 41 3.33 -1.39 -10.14
CA TYR D 41 3.11 -2.82 -10.10
C TYR D 41 3.77 -3.51 -11.30
N ALA D 42 4.24 -4.72 -11.09
CA ALA D 42 4.77 -5.52 -12.21
C ALA D 42 4.57 -7.00 -11.94
N ASN D 43 4.14 -7.72 -12.96
CA ASN D 43 3.88 -9.14 -12.91
C ASN D 43 4.04 -9.66 -14.34
N ASN D 44 4.96 -10.61 -14.55
CA ASN D 44 5.25 -11.17 -15.88
C ASN D 44 4.03 -11.75 -16.56
N ALA D 45 3.06 -12.20 -15.78
CA ALA D 45 1.85 -12.79 -16.30
C ALA D 45 0.94 -11.77 -16.93
N SER D 46 1.16 -10.49 -16.68
CA SER D 46 0.23 -9.47 -17.14
C SER D 46 0.92 -8.20 -17.64
N VAL D 47 1.31 -7.35 -16.71
CA VAL D 47 1.62 -5.97 -17.01
C VAL D 47 2.61 -5.39 -16.00
N ALA D 48 3.34 -4.38 -16.45
CA ALA D 48 4.09 -3.46 -15.59
C ALA D 48 3.47 -2.08 -15.75
N VAL D 49 3.21 -1.42 -14.64
CA VAL D 49 2.50 -0.16 -14.60
C VAL D 49 3.17 0.84 -13.63
N SER D 50 3.25 2.10 -14.03
CA SER D 50 3.63 3.21 -13.14
C SER D 50 2.61 4.35 -13.30
N CYS D 51 2.12 4.87 -12.18
CA CYS D 51 1.06 5.89 -12.18
C CYS D 51 1.51 7.31 -11.75
N THR D 52 0.68 8.28 -12.09
CA THR D 52 0.87 9.66 -11.65
C THR D 52 -0.47 10.37 -11.67
N GLY D 53 -0.69 11.28 -10.73
CA GLY D 53 -1.92 12.03 -10.66
C GLY D 53 -2.32 12.26 -9.21
N THR D 54 -3.62 12.34 -8.96
CA THR D 54 -4.16 12.55 -7.61
C THR D 54 -4.05 11.25 -6.80
N GLY D 55 -3.00 11.16 -5.99
CA GLY D 55 -2.54 9.91 -5.44
C GLY D 55 -3.57 9.19 -4.63
N GLU D 56 -4.33 9.95 -3.85
CA GLU D 56 -5.34 9.38 -2.94
C GLU D 56 -6.34 8.49 -3.72
N VAL D 57 -6.73 8.95 -4.90
CA VAL D 57 -7.71 8.23 -5.70
C VAL D 57 -7.12 6.95 -6.29
N PHE D 58 -5.83 6.98 -6.67
CA PHE D 58 -5.13 5.83 -7.23
C PHE D 58 -4.96 4.72 -6.15
N ILE D 59 -4.84 5.11 -4.87
CA ILE D 59 -4.81 4.17 -3.76
C ILE D 59 -6.18 3.55 -3.58
N ARG D 60 -7.20 4.40 -3.51
CA ARG D 60 -8.53 3.93 -3.24
C ARG D 60 -9.03 2.98 -4.35
N ALA D 61 -8.55 3.20 -5.58
CA ALA D 61 -8.93 2.38 -6.75
C ALA D 61 -7.94 1.24 -7.09
N LEU D 62 -6.87 1.12 -6.29
CA LEU D 62 -5.72 0.24 -6.59
C LEU D 62 -5.44 0.19 -8.07
N ALA D 63 -5.20 1.38 -8.63
CA ALA D 63 -5.18 1.58 -10.09
C ALA D 63 -4.26 0.64 -10.86
N ALA D 64 -3.04 0.47 -10.38
CA ALA D 64 -2.03 -0.32 -11.09
C ALA D 64 -2.37 -1.79 -11.10
N TYR D 65 -2.79 -2.34 -9.95
CA TYR D 65 -3.21 -3.74 -9.90
C TYR D 65 -4.51 -3.99 -10.63
N ASP D 66 -5.39 -3.00 -10.61
CA ASP D 66 -6.67 -3.11 -11.30
C ASP D 66 -6.45 -3.34 -12.80
N ILE D 67 -5.47 -2.63 -13.39
CA ILE D 67 -5.11 -2.87 -14.79
C ILE D 67 -4.75 -4.34 -14.94
N ALA D 68 -3.89 -4.82 -14.05
CA ALA D 68 -3.42 -6.20 -14.11
C ALA D 68 -4.53 -7.23 -13.99
N ALA D 69 -5.43 -7.02 -13.04
CA ALA D 69 -6.50 -7.96 -12.77
C ALA D 69 -7.58 -7.95 -13.88
N LEU D 70 -7.88 -6.77 -14.41
CA LEU D 70 -8.79 -6.67 -15.54
C LEU D 70 -8.28 -7.50 -16.73
N MET D 71 -6.97 -7.46 -16.96
CA MET D 71 -6.34 -8.25 -18.03
C MET D 71 -6.26 -9.75 -17.69
N ASP D 72 -5.76 -10.06 -16.51
CA ASP D 72 -5.47 -11.47 -16.13
C ASP D 72 -6.76 -12.25 -15.84
N TYR D 73 -7.67 -11.63 -15.11
CA TYR D 73 -8.94 -12.27 -14.75
C TYR D 73 -10.03 -11.97 -15.77
N GLY D 74 -10.18 -10.71 -16.16
CA GLY D 74 -11.28 -10.31 -17.02
C GLY D 74 -11.07 -10.63 -18.48
N GLY D 75 -9.80 -10.82 -18.86
CA GLY D 75 -9.44 -11.08 -20.25
C GLY D 75 -9.31 -9.86 -21.15
N LEU D 76 -9.36 -8.65 -20.58
CA LEU D 76 -9.29 -7.44 -21.38
C LEU D 76 -7.88 -7.25 -21.94
N SER D 77 -7.80 -6.59 -23.09
CA SER D 77 -6.51 -6.13 -23.61
C SER D 77 -5.98 -5.01 -22.74
N LEU D 78 -4.71 -4.71 -22.93
CA LEU D 78 -4.10 -3.61 -22.23
C LEU D 78 -4.84 -2.29 -22.52
N ALA D 79 -5.19 -2.03 -23.78
CA ALA D 79 -5.89 -0.80 -24.14
C ALA D 79 -7.28 -0.69 -23.49
N GLU D 80 -8.00 -1.81 -23.43
CA GLU D 80 -9.33 -1.84 -22.85
C GLU D 80 -9.25 -1.60 -21.34
N ALA D 81 -8.29 -2.23 -20.67
CA ALA D 81 -8.13 -2.08 -19.24
C ALA D 81 -7.69 -0.65 -18.87
N CYS D 82 -6.78 -0.07 -19.65
CA CYS D 82 -6.36 1.33 -19.47
C CYS D 82 -7.50 2.31 -19.62
N GLU D 83 -8.34 2.10 -20.63
CA GLU D 83 -9.50 2.96 -20.86
C GLU D 83 -10.47 2.93 -19.66
N ARG D 84 -10.79 1.72 -19.22
CA ARG D 84 -11.70 1.53 -18.09
C ARG D 84 -11.16 2.22 -16.83
N VAL D 85 -9.89 2.04 -16.52
CA VAL D 85 -9.33 2.55 -15.26
C VAL D 85 -9.15 4.08 -15.34
N VAL D 86 -8.44 4.53 -16.36
CA VAL D 86 -8.04 5.93 -16.49
C VAL D 86 -9.20 6.81 -16.96
N MET D 87 -10.00 6.33 -17.91
CA MET D 87 -11.04 7.19 -18.49
C MET D 87 -12.38 7.03 -17.84
N GLU D 88 -12.62 5.98 -17.06
CA GLU D 88 -13.94 5.76 -16.47
C GLU D 88 -13.91 5.69 -14.95
N LYS D 89 -13.12 4.80 -14.39
CA LYS D 89 -13.16 4.54 -12.95
C LYS D 89 -12.53 5.66 -12.14
N LEU D 90 -11.34 6.10 -12.56
CA LEU D 90 -10.64 7.15 -11.81
C LEU D 90 -11.43 8.48 -11.81
N PRO D 91 -11.91 8.97 -12.95
CA PRO D 91 -12.75 10.18 -12.94
C PRO D 91 -14.03 10.06 -12.10
N ALA D 92 -14.67 8.89 -12.08
CA ALA D 92 -15.88 8.69 -11.28
C ALA D 92 -15.61 8.84 -9.77
N LEU D 93 -14.37 8.64 -9.36
CA LEU D 93 -13.98 8.86 -7.96
C LEU D 93 -13.36 10.25 -7.63
N GLY D 94 -13.34 11.15 -8.59
CA GLY D 94 -12.72 12.46 -8.44
C GLY D 94 -11.24 12.49 -8.77
N GLY D 95 -10.76 11.46 -9.49
CA GLY D 95 -9.36 11.27 -9.73
C GLY D 95 -8.93 11.77 -11.11
N SER D 96 -7.73 12.33 -11.19
CA SER D 96 -7.18 12.71 -12.49
C SER D 96 -5.70 12.37 -12.53
N GLY D 97 -5.23 11.99 -13.71
CA GLY D 97 -3.85 11.65 -13.92
C GLY D 97 -3.74 10.68 -15.07
N GLY D 98 -2.70 9.87 -15.02
CA GLY D 98 -2.48 8.84 -16.03
C GLY D 98 -1.56 7.78 -15.52
N LEU D 99 -1.15 6.92 -16.44
CA LEU D 99 -0.19 5.92 -16.11
C LEU D 99 0.53 5.50 -17.38
N ILE D 100 1.63 4.78 -17.20
CA ILE D 100 2.28 4.07 -18.29
C ILE D 100 2.26 2.58 -18.00
N ALA D 101 2.22 1.78 -19.05
CA ALA D 101 2.05 0.36 -18.89
C ALA D 101 2.55 -0.42 -20.11
N ILE D 102 3.22 -1.53 -19.84
CA ILE D 102 3.67 -2.47 -20.87
C ILE D 102 3.21 -3.86 -20.46
N ASP D 103 2.56 -4.56 -21.36
CA ASP D 103 2.10 -5.91 -21.06
C ASP D 103 3.17 -6.92 -21.51
N HIS D 104 2.91 -8.20 -21.25
CA HIS D 104 3.91 -9.26 -21.45
C HIS D 104 4.17 -9.56 -22.92
N GLU D 105 3.29 -9.08 -23.80
CA GLU D 105 3.45 -9.21 -25.25
C GLU D 105 4.11 -7.98 -25.89
N GLY D 106 4.50 -7.00 -25.07
CA GLY D 106 5.18 -5.80 -25.54
C GLY D 106 4.28 -4.69 -26.05
N ASN D 107 2.98 -4.78 -25.80
CA ASN D 107 2.07 -3.65 -26.06
C ASN D 107 2.35 -2.58 -25.03
N VAL D 108 2.31 -1.32 -25.45
CA VAL D 108 2.57 -0.20 -24.55
C VAL D 108 1.38 0.74 -24.62
N ALA D 109 1.02 1.32 -23.48
CA ALA D 109 -0.08 2.27 -23.38
C ALA D 109 0.32 3.41 -22.43
N LEU D 110 -0.06 4.64 -22.77
CA LEU D 110 0.27 5.82 -21.97
C LEU D 110 -0.98 6.67 -21.78
N PRO D 111 -2.03 6.09 -21.21
CA PRO D 111 -3.30 6.82 -21.04
C PRO D 111 -3.19 7.95 -20.00
N PHE D 112 -3.85 9.08 -20.25
CA PHE D 112 -4.02 10.10 -19.23
C PHE D 112 -5.29 10.85 -19.51
N ASN D 113 -5.91 11.38 -18.46
CA ASN D 113 -7.15 12.14 -18.57
C ASN D 113 -6.95 13.61 -18.27
N THR D 114 -5.70 14.02 -18.15
CA THR D 114 -5.33 15.40 -17.80
C THR D 114 -4.93 16.16 -19.06
N GLU D 115 -4.65 17.45 -18.92
CA GLU D 115 -4.21 18.28 -20.05
C GLU D 115 -2.92 17.72 -20.65
N GLY D 116 -2.04 17.20 -19.80
CA GLY D 116 -0.79 16.65 -20.26
C GLY D 116 -0.22 15.59 -19.36
N MET D 117 0.76 14.88 -19.89
CA MET D 117 1.58 14.00 -19.11
C MET D 117 2.91 13.87 -19.79
N TYR D 118 3.98 14.26 -19.10
CA TYR D 118 5.32 14.12 -19.63
C TYR D 118 5.62 12.65 -19.79
N ARG D 119 5.98 12.25 -21.00
CA ARG D 119 6.12 10.83 -21.31
C ARG D 119 7.00 10.55 -22.52
N ALA D 120 7.53 9.35 -22.56
CA ALA D 120 8.32 8.88 -23.67
C ALA D 120 8.31 7.36 -23.72
N TRP D 121 8.54 6.82 -24.91
CA TRP D 121 8.60 5.37 -25.07
C TRP D 121 9.37 5.01 -26.30
N GLY D 122 9.81 3.76 -26.34
CA GLY D 122 10.55 3.29 -27.48
C GLY D 122 10.93 1.84 -27.41
N TYR D 123 10.83 1.14 -28.54
CA TYR D 123 11.29 -0.22 -28.65
C TYR D 123 12.80 -0.24 -28.79
N ALA D 124 13.46 -1.20 -28.13
CA ALA D 124 14.88 -1.39 -28.32
C ALA D 124 15.17 -1.50 -29.81
N GLY D 125 16.13 -0.72 -30.27
CA GLY D 125 16.55 -0.74 -31.66
C GLY D 125 15.80 0.25 -32.54
N ASP D 126 14.83 0.97 -31.98
CA ASP D 126 14.02 1.94 -32.72
C ASP D 126 14.23 3.34 -32.18
N THR D 127 13.60 4.30 -32.84
CA THR D 127 13.62 5.69 -32.44
C THR D 127 12.55 5.92 -31.38
N PRO D 128 12.86 6.66 -30.33
CA PRO D 128 11.87 6.92 -29.29
C PRO D 128 10.87 8.02 -29.69
N THR D 129 9.76 8.05 -28.98
CA THR D 129 8.73 9.07 -29.14
C THR D 129 8.54 9.72 -27.77
N THR D 130 8.39 11.04 -27.76
CA THR D 130 8.10 11.79 -26.53
C THR D 130 6.78 12.51 -26.68
N GLY D 131 6.21 12.93 -25.57
CA GLY D 131 5.02 13.77 -25.61
C GLY D 131 4.84 14.54 -24.33
N ILE D 132 4.04 15.60 -24.43
CA ILE D 132 3.61 16.42 -23.31
C ILE D 132 2.09 16.54 -23.29
N TYR D 133 1.50 17.04 -24.37
CA TYR D 133 0.04 17.25 -24.44
C TYR D 133 -0.64 16.06 -25.10
N ARG D 134 -1.94 16.16 -25.35
CA ARG D 134 -2.71 15.06 -25.95
C ARG D 134 -2.23 14.73 -27.38
N GLU D 135 -1.77 13.48 -27.57
CA GLU D 135 -1.42 12.87 -28.88
C GLU D 135 -0.37 11.75 -28.74
NA NA E . -4.04 -5.25 21.91
CA CA F . -6.05 9.58 28.79
N ASP G . -9.52 10.00 24.01
CA ASP G . -8.74 9.18 24.98
C ASP G . -8.10 10.05 26.06
O ASP G . -7.76 9.52 27.15
CB ASP G . -7.66 8.32 24.26
CG ASP G . -6.68 9.15 23.42
OD1 ASP G . -5.75 8.51 22.87
OD2 ASP G . -6.74 10.41 23.26
OXT ASP G . -7.97 11.25 25.79
CA CA H . -20.36 -13.78 -9.73
CA CA I . -26.48 3.43 8.79
CA CA J . -19.44 -17.63 -10.26
CA CA K . -31.94 2.69 5.79
N ASP L . 0.37 -9.03 8.70
CA ASP L . 1.05 -8.32 9.84
C ASP L . 2.21 -7.48 9.35
O ASP L . 2.55 -6.44 9.89
CB ASP L . 1.60 -9.30 10.90
CG ASP L . 0.56 -10.34 11.37
OD1 ASP L . 0.95 -11.21 12.19
OD2 ASP L . -0.63 -10.36 10.99
OXT ASP L . 2.89 -7.89 8.42
N ASP M . -19.37 -12.90 -11.86
CA ASP M . -20.11 -13.32 -13.08
C ASP M . -21.61 -13.32 -12.81
O ASP M . -21.94 -13.41 -11.61
CB ASP M . -19.68 -14.72 -13.57
CG ASP M . -19.73 -15.79 -12.47
OD1 ASP M . -20.02 -15.52 -11.27
OD2 ASP M . -19.47 -17.00 -12.75
OXT ASP M . -22.38 -13.27 -13.78
N ASP N . -20.65 -13.57 -7.23
CA ASP N . -21.15 -14.82 -6.60
C ASP N . -20.59 -16.05 -7.33
O ASP N . -19.98 -15.90 -8.39
CB ASP N . -22.69 -14.86 -6.64
CG ASP N . -23.24 -14.74 -8.04
OD1 ASP N . -24.47 -14.67 -8.20
OD2 ASP N . -22.52 -14.70 -9.06
OXT ASP N . -20.73 -17.18 -6.89
NA NA O . 14.22 15.25 -10.27
CL CL P . 11.22 29.92 -27.91
C TRS Q . 2.17 21.00 11.43
C1 TRS Q . 0.92 21.86 11.65
C2 TRS Q . 3.43 21.82 11.72
C3 TRS Q . 2.22 20.42 10.01
N TRS Q . 2.12 19.89 12.37
O1 TRS Q . 0.92 22.47 12.93
O2 TRS Q . 4.59 21.04 11.52
O3 TRS Q . 2.20 21.41 8.99
C TRS R . 12.14 -8.92 -0.13
C1 TRS R . 11.82 -9.58 1.21
C2 TRS R . 10.83 -8.38 -0.72
C3 TRS R . 12.81 -9.94 -1.07
N TRS R . 13.02 -7.79 0.19
O1 TRS R . 11.20 -10.83 1.08
O2 TRS R . 10.99 -7.90 -2.03
O3 TRS R . 13.95 -10.51 -0.44
N ASP S . 0.58 10.53 -7.60
CA ASP S . 1.55 11.41 -6.84
C ASP S . 1.20 11.44 -5.37
O ASP S . 2.13 11.54 -4.56
CB ASP S . 1.50 12.88 -7.29
CG ASP S . 1.72 13.05 -8.76
OD1 ASP S . 1.89 12.04 -9.49
OD2 ASP S . 1.73 14.18 -9.29
OXT ASP S . 0.02 11.40 -5.10
#